data_3P31
#
_entry.id   3P31
#
_cell.length_a   99.540
_cell.length_b   133.500
_cell.length_c   55.970
_cell.angle_alpha   90.00
_cell.angle_beta   91.38
_cell.angle_gamma   90.00
#
_symmetry.space_group_name_H-M   'C 1 2 1'
#
loop_
_entity.id
_entity.type
_entity.pdbx_description
1 polymer 'Nonstructural protein 1'
2 non-polymer 'THIOCYANATE ION'
3 water water
#
_entity_poly.entity_id   1
_entity_poly.type   'polypeptide(L)'
_entity_poly.pdbx_seq_one_letter_code
;GPLGSDKALKMPASRYLTDMTLEEMSRDWFMLMPKQKVAGSLCIKMDQAIMDKTIILKANFSVIFDRLETLILLRAFTEE
GAIVGEISPLPSLPGHTGEDVKNAIGVLIGGLEWNDNTVRVTETIQRFAWRNSDEDGRLPLPPNQKR
;
_entity_poly.pdbx_strand_id   A,B,C,D
#
loop_
_chem_comp.id
_chem_comp.type
_chem_comp.name
_chem_comp.formula
SCN non-polymer 'THIOCYANATE ION' 'C N S -1'
#
# COMPACT_ATOMS: atom_id res chain seq x y z
N PRO A 12 -10.46 -23.79 -39.81
CA PRO A 12 -11.28 -24.51 -38.82
C PRO A 12 -11.19 -23.85 -37.45
N ALA A 13 -12.36 -23.68 -36.83
CA ALA A 13 -12.56 -22.75 -35.74
C ALA A 13 -11.88 -23.20 -34.46
N SER A 14 -11.50 -22.22 -33.67
CA SER A 14 -10.88 -22.46 -32.40
C SER A 14 -11.88 -23.06 -31.34
N ARG A 15 -11.35 -23.50 -30.19
CA ARG A 15 -12.14 -24.11 -29.11
C ARG A 15 -12.19 -23.23 -27.87
N TYR A 16 -13.36 -23.15 -27.22
CA TYR A 16 -13.55 -22.41 -25.98
C TYR A 16 -13.40 -23.28 -24.71
N LEU A 17 -12.46 -22.95 -23.84
CA LEU A 17 -12.19 -23.78 -22.63
C LEU A 17 -12.57 -22.99 -21.40
N THR A 18 -13.42 -23.55 -20.57
CA THR A 18 -13.85 -22.84 -19.41
C THR A 18 -13.36 -23.57 -18.12
N ASP A 19 -12.57 -22.92 -17.25
CA ASP A 19 -12.45 -23.36 -15.84
C ASP A 19 -13.59 -22.80 -14.98
N MET A 20 -14.05 -21.60 -15.33
CA MET A 20 -14.95 -20.91 -14.49
C MET A 20 -16.38 -20.85 -15.02
N THR A 21 -17.33 -21.14 -14.13
CA THR A 21 -18.74 -20.92 -14.34
C THR A 21 -18.89 -19.42 -14.43
N LEU A 22 -20.05 -18.96 -14.95
CA LEU A 22 -20.35 -17.53 -15.07
C LEU A 22 -20.43 -16.85 -13.73
N GLU A 23 -20.94 -17.52 -12.70
CA GLU A 23 -20.95 -16.96 -11.36
C GLU A 23 -19.49 -16.70 -10.93
N GLU A 24 -18.57 -17.63 -11.27
CA GLU A 24 -17.15 -17.41 -10.93
C GLU A 24 -16.59 -16.16 -11.62
N MET A 25 -17.12 -15.84 -12.78
CA MET A 25 -16.53 -14.72 -13.55
C MET A 25 -16.99 -13.37 -13.09
N SER A 26 -18.11 -13.36 -12.38
CA SER A 26 -18.69 -12.10 -11.94
C SER A 26 -18.92 -12.08 -10.43
N ARG A 27 -18.52 -13.14 -9.74
CA ARG A 27 -18.38 -13.09 -8.29
C ARG A 27 -17.81 -11.75 -7.90
N ASP A 28 -18.36 -11.11 -6.88
CA ASP A 28 -17.74 -9.88 -6.48
C ASP A 28 -16.72 -10.04 -5.37
N TRP A 29 -15.74 -9.18 -5.45
CA TRP A 29 -14.61 -9.17 -4.58
C TRP A 29 -14.19 -7.72 -4.35
N PHE A 30 -13.20 -7.53 -3.50
CA PHE A 30 -12.51 -6.27 -3.40
C PHE A 30 -11.17 -6.58 -2.80
N MET A 31 -10.17 -5.73 -3.05
CA MET A 31 -8.85 -5.91 -2.44
C MET A 31 -8.77 -5.08 -1.21
N LEU A 32 -8.46 -5.73 -0.10
CA LEU A 32 -8.23 -5.08 1.17
C LEU A 32 -7.01 -4.22 1.03
N MET A 33 -6.04 -4.70 0.28
CA MET A 33 -4.89 -3.92 -0.07
C MET A 33 -4.69 -4.10 -1.54
N PRO A 34 -4.99 -3.08 -2.30
CA PRO A 34 -5.06 -3.15 -3.76
C PRO A 34 -3.76 -2.97 -4.52
N LYS A 35 -3.60 -3.62 -5.66
CA LYS A 35 -2.47 -3.40 -6.53
C LYS A 35 -2.83 -3.61 -8.00
N GLN A 36 -2.36 -2.78 -8.90
CA GLN A 36 -2.80 -2.85 -10.28
C GLN A 36 -1.69 -2.68 -11.25
N LYS A 37 -1.97 -2.83 -12.53
CA LYS A 37 -0.92 -2.81 -13.51
C LYS A 37 -1.46 -3.05 -14.88
N VAL A 38 -0.79 -2.56 -15.90
CA VAL A 38 -1.30 -2.74 -17.21
C VAL A 38 -0.14 -3.12 -18.01
N ALA A 39 -0.27 -4.19 -18.75
CA ALA A 39 0.88 -4.71 -19.42
C ALA A 39 0.47 -5.21 -20.76
N GLY A 40 1.16 -4.75 -21.78
CA GLY A 40 0.66 -4.89 -23.11
C GLY A 40 -0.77 -4.45 -23.07
N SER A 41 -1.67 -5.40 -23.27
CA SER A 41 -3.08 -5.09 -23.30
C SER A 41 -3.85 -5.92 -22.35
N LEU A 42 -3.31 -6.06 -21.14
CA LEU A 42 -3.98 -6.80 -20.10
C LEU A 42 -4.00 -6.04 -18.80
N CYS A 43 -4.97 -6.32 -17.98
CA CYS A 43 -5.03 -5.70 -16.66
C CYS A 43 -4.79 -6.78 -15.64
N ILE A 44 -3.86 -6.54 -14.69
CA ILE A 44 -3.52 -7.57 -13.69
C ILE A 44 -3.83 -6.97 -12.32
N LYS A 45 -4.52 -7.71 -11.46
CA LYS A 45 -4.89 -7.20 -10.18
C LYS A 45 -4.59 -8.22 -9.12
N MET A 46 -4.11 -7.76 -7.98
CA MET A 46 -3.96 -8.67 -6.84
C MET A 46 -4.14 -7.96 -5.50
N ASP A 47 -4.92 -8.60 -4.62
CA ASP A 47 -4.97 -8.23 -3.22
C ASP A 47 -3.59 -8.43 -2.59
N GLN A 48 -2.90 -7.35 -2.28
CA GLN A 48 -1.62 -7.61 -1.71
C GLN A 48 -1.67 -7.76 -0.17
N ALA A 49 -2.87 -7.98 0.36
CA ALA A 49 -3.10 -8.26 1.78
C ALA A 49 -3.07 -9.75 2.09
N ILE A 50 -3.24 -10.58 1.09
CA ILE A 50 -3.48 -11.99 1.31
C ILE A 50 -2.16 -12.67 1.72
N MET A 51 -2.19 -13.42 2.83
CA MET A 51 -0.96 -14.03 3.37
C MET A 51 -1.06 -15.52 3.67
N ASP A 52 -0.04 -16.26 3.31
CA ASP A 52 0.01 -17.70 3.62
C ASP A 52 -1.18 -18.49 3.14
N LYS A 53 -1.81 -18.06 2.06
CA LYS A 53 -2.93 -18.82 1.52
C LYS A 53 -2.56 -19.74 0.38
N THR A 54 -3.49 -20.63 0.03
CA THR A 54 -3.29 -21.64 -1.01
C THR A 54 -4.20 -21.24 -2.13
N ILE A 55 -3.61 -21.02 -3.29
CA ILE A 55 -4.28 -20.28 -4.37
C ILE A 55 -4.12 -21.02 -5.66
N ILE A 56 -5.23 -21.08 -6.42
CA ILE A 56 -5.26 -21.67 -7.73
C ILE A 56 -5.74 -20.63 -8.74
N LEU A 57 -5.13 -20.60 -9.91
CA LEU A 57 -5.55 -19.68 -10.96
C LEU A 57 -6.37 -20.49 -11.94
N LYS A 58 -7.52 -19.94 -12.29
CA LYS A 58 -8.50 -20.62 -13.15
C LYS A 58 -8.72 -19.69 -14.32
N ALA A 59 -8.92 -20.24 -15.49
CA ALA A 59 -9.11 -19.39 -16.66
C ALA A 59 -10.17 -19.92 -17.61
N ASN A 60 -10.77 -18.99 -18.40
CA ASN A 60 -11.62 -19.25 -19.55
C ASN A 60 -11.00 -18.58 -20.79
N PHE A 61 -10.74 -19.36 -21.83
CA PHE A 61 -10.00 -18.85 -22.99
C PHE A 61 -10.16 -19.74 -24.17
N SER A 62 -9.87 -19.22 -25.34
CA SER A 62 -10.01 -20.06 -26.50
C SER A 62 -8.63 -20.57 -26.89
N VAL A 63 -8.61 -21.70 -27.59
CA VAL A 63 -7.40 -22.34 -28.08
C VAL A 63 -7.52 -22.68 -29.59
N ILE A 64 -6.41 -22.49 -30.29
CA ILE A 64 -6.17 -23.11 -31.56
C ILE A 64 -4.82 -23.71 -31.53
N PHE A 65 -4.75 -24.93 -32.02
CA PHE A 65 -3.53 -25.64 -32.00
C PHE A 65 -3.63 -26.28 -30.68
N ASP A 66 -2.67 -25.98 -29.84
CA ASP A 66 -2.56 -26.58 -28.55
C ASP A 66 -1.89 -25.53 -27.77
N ARG A 67 -2.16 -24.31 -28.18
CA ARG A 67 -1.74 -23.15 -27.42
C ARG A 67 -2.93 -22.20 -27.26
N LEU A 68 -2.93 -21.40 -26.20
CA LEU A 68 -4.02 -20.46 -25.93
C LEU A 68 -4.01 -19.31 -26.96
N GLU A 69 -5.18 -18.91 -27.47
CA GLU A 69 -5.31 -17.82 -28.46
C GLU A 69 -5.78 -16.47 -27.87
N THR A 70 -6.91 -16.46 -27.17
CA THR A 70 -7.45 -15.24 -26.61
C THR A 70 -7.92 -15.50 -25.19
N LEU A 71 -7.52 -14.66 -24.25
CA LEU A 71 -7.99 -14.88 -22.92
C LEU A 71 -9.30 -14.15 -22.79
N ILE A 72 -10.22 -14.78 -22.09
CA ILE A 72 -11.45 -14.10 -21.76
C ILE A 72 -11.32 -13.57 -20.33
N LEU A 73 -10.85 -14.45 -19.41
CA LEU A 73 -10.63 -14.07 -18.00
C LEU A 73 -9.91 -15.14 -17.19
N LEU A 74 -8.96 -14.66 -16.39
CA LEU A 74 -8.26 -15.49 -15.45
C LEU A 74 -8.49 -14.91 -14.05
N ARG A 75 -8.85 -15.76 -13.11
CA ARG A 75 -8.94 -15.31 -11.74
C ARG A 75 -8.16 -16.22 -10.82
N ALA A 76 -7.76 -15.66 -9.68
CA ALA A 76 -6.94 -16.42 -8.71
C ALA A 76 -7.83 -16.61 -7.54
N PHE A 77 -8.05 -17.86 -7.17
CA PHE A 77 -8.94 -18.16 -6.05
C PHE A 77 -8.22 -18.80 -4.84
N THR A 78 -8.54 -18.35 -3.65
CA THR A 78 -8.01 -18.99 -2.44
C THR A 78 -8.85 -20.22 -2.24
N GLU A 79 -8.33 -21.15 -1.45
CA GLU A 79 -9.08 -22.35 -1.17
C GLU A 79 -10.46 -22.09 -0.54
N GLU A 80 -10.65 -20.96 0.12
CA GLU A 80 -12.00 -20.66 0.63
C GLU A 80 -12.87 -19.80 -0.32
N GLY A 81 -12.35 -19.63 -1.56
CA GLY A 81 -13.14 -19.08 -2.63
C GLY A 81 -13.07 -17.59 -2.84
N ALA A 82 -12.26 -16.90 -2.05
CA ALA A 82 -12.00 -15.47 -2.27
C ALA A 82 -11.26 -15.32 -3.57
N ILE A 83 -11.63 -14.28 -4.31
CA ILE A 83 -10.88 -13.83 -5.44
C ILE A 83 -9.82 -12.84 -4.99
N VAL A 84 -8.55 -13.11 -5.36
CA VAL A 84 -7.42 -12.35 -4.86
C VAL A 84 -6.55 -11.83 -5.98
N GLY A 85 -6.88 -12.19 -7.21
CA GLY A 85 -6.10 -11.77 -8.35
C GLY A 85 -6.88 -12.03 -9.62
N GLU A 86 -6.46 -11.38 -10.69
CA GLU A 86 -7.28 -11.34 -11.90
C GLU A 86 -6.48 -10.88 -13.07
N ILE A 87 -6.66 -11.55 -14.19
CA ILE A 87 -6.13 -11.01 -15.41
C ILE A 87 -7.28 -10.88 -16.39
N SER A 88 -7.39 -9.71 -17.02
CA SER A 88 -8.43 -9.49 -18.03
C SER A 88 -7.90 -8.73 -19.21
N PRO A 89 -8.43 -9.02 -20.40
CA PRO A 89 -8.03 -8.27 -21.57
C PRO A 89 -8.65 -6.90 -21.57
N LEU A 90 -8.06 -6.02 -22.36
CA LEU A 90 -8.55 -4.67 -22.53
C LEU A 90 -8.88 -4.40 -24.00
N PRO A 91 -9.76 -3.44 -24.24
CA PRO A 91 -10.13 -3.03 -25.59
C PRO A 91 -9.04 -2.22 -26.23
N SER A 92 -8.68 -2.45 -27.48
CA SER A 92 -7.46 -1.80 -27.91
C SER A 92 -6.80 -2.10 -29.28
N LEU A 93 -5.47 -1.98 -29.24
CA LEU A 93 -4.57 -2.20 -30.36
C LEU A 93 -3.17 -2.00 -29.79
N PRO A 94 -2.39 -3.05 -29.69
CA PRO A 94 -2.79 -4.36 -30.20
C PRO A 94 -3.63 -5.13 -29.21
N GLY A 95 -3.67 -6.41 -29.45
CA GLY A 95 -4.45 -7.31 -28.63
C GLY A 95 -3.54 -8.42 -28.22
N HIS A 96 -3.72 -8.87 -27.00
CA HIS A 96 -2.81 -9.80 -26.39
C HIS A 96 -2.53 -11.04 -27.19
N THR A 97 -1.32 -11.52 -27.11
CA THR A 97 -0.99 -12.78 -27.70
C THR A 97 -0.98 -13.84 -26.63
N GLY A 98 -0.48 -15.02 -26.96
CA GLY A 98 -0.29 -16.09 -25.99
C GLY A 98 0.89 -15.80 -25.07
N GLU A 99 1.91 -15.16 -25.64
CA GLU A 99 3.04 -14.66 -24.89
C GLU A 99 2.64 -13.65 -23.88
N ASP A 100 1.86 -12.63 -24.25
CA ASP A 100 1.48 -11.61 -23.24
C ASP A 100 0.89 -12.28 -21.99
N VAL A 101 0.09 -13.32 -22.20
CA VAL A 101 -0.71 -13.95 -21.15
C VAL A 101 0.19 -14.82 -20.26
N LYS A 102 1.09 -15.55 -20.90
CA LYS A 102 2.14 -16.28 -20.22
C LYS A 102 2.93 -15.40 -19.24
N ASN A 103 3.40 -14.27 -19.75
CA ASN A 103 4.14 -13.36 -18.94
C ASN A 103 3.31 -12.79 -17.82
N ALA A 104 2.05 -12.52 -18.09
CA ALA A 104 1.20 -11.93 -17.06
C ALA A 104 0.95 -12.93 -15.93
N ILE A 105 0.79 -14.20 -16.28
CA ILE A 105 0.67 -15.26 -15.29
C ILE A 105 1.90 -15.26 -14.38
N GLY A 106 3.10 -15.21 -14.97
CA GLY A 106 4.34 -15.25 -14.20
C GLY A 106 4.34 -14.02 -13.31
N VAL A 107 3.94 -12.87 -13.87
CA VAL A 107 3.92 -11.63 -13.09
C VAL A 107 2.90 -11.72 -11.95
N LEU A 108 1.74 -12.29 -12.21
CA LEU A 108 0.79 -12.33 -11.12
C LEU A 108 1.25 -13.34 -10.02
N ILE A 109 1.77 -14.50 -10.44
CA ILE A 109 2.24 -15.56 -9.53
C ILE A 109 3.36 -14.99 -8.61
N GLY A 110 4.36 -14.37 -9.24
CA GLY A 110 5.47 -13.74 -8.53
C GLY A 110 4.99 -12.78 -7.47
N GLY A 111 4.07 -11.89 -7.87
CA GLY A 111 3.41 -10.96 -6.98
C GLY A 111 2.69 -11.57 -5.75
N LEU A 112 1.98 -12.67 -5.94
CA LEU A 112 1.24 -13.31 -4.86
C LEU A 112 2.18 -14.08 -3.97
N GLU A 113 3.39 -14.45 -4.45
CA GLU A 113 4.32 -15.26 -3.66
C GLU A 113 5.11 -14.38 -2.65
N TRP A 114 5.10 -13.08 -2.95
CA TRP A 114 5.69 -12.11 -2.11
C TRP A 114 5.25 -12.35 -0.63
N ASN A 115 3.97 -12.51 -0.35
CA ASN A 115 3.41 -12.71 0.97
C ASN A 115 3.21 -14.20 1.30
N ASP A 116 4.01 -15.07 0.67
CA ASP A 116 4.07 -16.47 1.04
C ASP A 116 2.78 -17.21 0.80
N ASN A 117 2.12 -16.84 -0.30
CA ASN A 117 1.03 -17.62 -0.83
C ASN A 117 1.59 -18.75 -1.65
N THR A 118 0.94 -19.91 -1.61
CA THR A 118 1.33 -21.03 -2.45
C THR A 118 0.39 -21.03 -3.68
N VAL A 119 0.96 -20.95 -4.85
CA VAL A 119 0.14 -20.70 -6.01
C VAL A 119 0.31 -21.79 -7.00
N ARG A 120 -0.81 -22.38 -7.45
CA ARG A 120 -0.81 -23.29 -8.62
C ARG A 120 -1.79 -22.86 -9.74
N VAL A 121 -1.76 -23.57 -10.87
CA VAL A 121 -2.68 -23.33 -11.95
C VAL A 121 -3.48 -24.56 -12.22
N THR A 122 -4.69 -24.44 -12.77
CA THR A 122 -5.44 -25.61 -13.21
C THR A 122 -4.65 -26.33 -14.28
N GLU A 123 -4.91 -27.60 -14.42
CA GLU A 123 -4.53 -28.37 -15.62
C GLU A 123 -4.79 -27.62 -16.96
N THR A 124 -5.96 -27.01 -17.12
CA THR A 124 -6.22 -26.32 -18.37
C THR A 124 -5.11 -25.28 -18.57
N ILE A 125 -4.82 -24.44 -17.61
CA ILE A 125 -3.74 -23.48 -17.82
C ILE A 125 -2.37 -24.09 -18.06
N GLN A 126 -2.08 -25.14 -17.31
CA GLN A 126 -0.80 -25.79 -17.45
C GLN A 126 -0.58 -26.36 -18.87
N ARG A 127 -1.63 -26.93 -19.47
CA ARG A 127 -1.51 -27.55 -20.78
C ARG A 127 -1.33 -26.47 -21.89
N PHE A 128 -2.01 -25.33 -21.77
CA PHE A 128 -2.12 -24.39 -22.89
C PHE A 128 -1.45 -23.03 -22.76
N ALA A 129 -1.23 -22.55 -21.54
CA ALA A 129 -0.88 -21.15 -21.35
C ALA A 129 0.44 -20.94 -20.65
N TRP A 130 0.56 -21.40 -19.41
CA TRP A 130 1.74 -21.15 -18.62
C TRP A 130 2.28 -22.49 -18.18
N ARG A 131 3.14 -23.03 -19.06
CA ARG A 131 3.80 -24.36 -19.02
C ARG A 131 3.18 -25.38 -20.03
N PRO B 12 43.30 -19.93 0.76
CA PRO B 12 42.32 -19.10 0.06
C PRO B 12 41.23 -18.58 0.98
N ALA B 13 41.57 -17.64 1.86
CA ALA B 13 40.59 -17.05 2.75
C ALA B 13 39.64 -16.14 1.96
N SER B 14 38.49 -15.80 2.52
CA SER B 14 37.60 -14.95 1.78
C SER B 14 38.20 -13.59 1.47
N ARG B 15 37.50 -12.84 0.65
CA ARG B 15 37.80 -11.45 0.51
C ARG B 15 36.49 -10.74 0.40
N TYR B 16 36.53 -9.45 0.68
CA TYR B 16 35.35 -8.64 0.84
C TYR B 16 35.18 -7.80 -0.44
N LEU B 17 34.04 -7.93 -1.09
CA LEU B 17 33.76 -7.19 -2.32
C LEU B 17 32.80 -6.09 -2.03
N THR B 18 33.10 -4.91 -2.53
CA THR B 18 32.35 -3.72 -2.17
C THR B 18 31.87 -2.97 -3.39
N ASP B 19 30.57 -3.01 -3.66
CA ASP B 19 29.98 -2.20 -4.75
C ASP B 19 29.69 -0.77 -4.24
N MET B 20 29.46 -0.61 -2.93
CA MET B 20 29.00 0.67 -2.37
C MET B 20 30.05 1.38 -1.52
N THR B 21 30.08 2.72 -1.64
CA THR B 21 30.93 3.54 -0.76
C THR B 21 30.45 3.41 0.68
N LEU B 22 31.29 3.80 1.65
CA LEU B 22 30.89 3.84 3.07
C LEU B 22 29.69 4.74 3.24
N GLU B 23 29.66 5.81 2.47
CA GLU B 23 28.49 6.69 2.47
C GLU B 23 27.22 5.89 2.08
N GLU B 24 27.29 5.18 0.96
CA GLU B 24 26.11 4.50 0.43
C GLU B 24 25.67 3.40 1.38
N MET B 25 26.63 2.79 2.05
CA MET B 25 26.40 1.75 3.04
C MET B 25 25.68 2.28 4.26
N SER B 26 26.01 3.49 4.71
CA SER B 26 25.49 3.89 6.00
C SER B 26 24.33 4.85 5.88
N ARG B 27 24.04 5.31 4.67
CA ARG B 27 22.97 6.26 4.50
C ARG B 27 21.62 5.68 4.95
N ASP B 28 20.81 6.50 5.59
CA ASP B 28 19.44 6.09 5.86
C ASP B 28 18.49 6.55 4.76
N TRP B 29 17.31 5.94 4.70
CA TRP B 29 16.38 6.23 3.63
C TRP B 29 14.98 5.86 4.02
N PHE B 30 14.00 6.16 3.18
CA PHE B 30 12.65 5.81 3.53
C PHE B 30 11.92 5.58 2.25
N MET B 31 10.89 4.74 2.35
CA MET B 31 10.04 4.37 1.22
C MET B 31 8.78 5.18 1.25
N LEU B 32 8.45 5.74 0.11
CA LEU B 32 7.20 6.50 -0.04
C LEU B 32 5.96 5.61 0.11
N MET B 33 6.04 4.44 -0.53
CA MET B 33 5.08 3.36 -0.38
C MET B 33 5.80 2.06 0.06
N PRO B 34 5.92 1.87 1.38
CA PRO B 34 6.72 0.75 1.92
C PRO B 34 6.15 -0.63 1.55
N LYS B 35 7.04 -1.51 1.11
CA LYS B 35 6.77 -2.95 1.00
C LYS B 35 7.99 -3.73 1.51
N GLN B 36 7.77 -4.70 2.41
CA GLN B 36 8.89 -5.51 2.91
C GLN B 36 8.48 -6.96 3.08
N LYS B 37 9.50 -7.82 3.17
CA LYS B 37 9.30 -9.19 3.62
C LYS B 37 10.57 -9.83 4.24
N VAL B 38 10.34 -10.79 5.14
CA VAL B 38 11.38 -11.62 5.70
C VAL B 38 11.35 -12.94 4.98
N ALA B 39 12.49 -13.31 4.39
CA ALA B 39 12.66 -14.65 3.81
C ALA B 39 13.82 -15.46 4.46
N GLY B 40 13.44 -16.09 5.57
CA GLY B 40 14.29 -16.96 6.34
C GLY B 40 15.01 -16.01 7.25
N SER B 41 16.26 -15.72 6.89
CA SER B 41 17.00 -14.73 7.65
C SER B 41 17.48 -13.53 6.83
N LEU B 42 16.73 -13.18 5.78
CA LEU B 42 16.97 -11.89 5.13
C LEU B 42 15.74 -10.99 5.17
N CYS B 43 16.00 -9.69 5.16
CA CYS B 43 14.93 -8.68 5.10
C CYS B 43 14.96 -8.04 3.72
N ILE B 44 13.85 -8.19 2.99
CA ILE B 44 13.72 -7.54 1.66
C ILE B 44 12.78 -6.36 1.73
N LYS B 45 13.30 -5.20 1.34
CA LYS B 45 12.52 -3.95 1.23
C LYS B 45 12.55 -3.33 -0.16
N MET B 46 11.43 -2.71 -0.55
CA MET B 46 11.33 -1.96 -1.81
C MET B 46 10.30 -0.81 -1.80
N ASP B 47 10.68 0.30 -2.42
CA ASP B 47 9.71 1.40 -2.55
C ASP B 47 8.77 1.13 -3.70
N GLN B 48 7.50 0.90 -3.39
CA GLN B 48 6.50 0.72 -4.45
C GLN B 48 6.22 1.94 -5.35
N ALA B 49 6.67 3.14 -4.96
CA ALA B 49 6.31 4.37 -5.67
C ALA B 49 7.26 4.67 -6.85
N ILE B 50 8.31 3.87 -6.97
CA ILE B 50 9.28 4.06 -8.04
C ILE B 50 8.76 3.38 -9.30
N MET B 51 8.67 4.13 -10.39
CA MET B 51 7.97 3.68 -11.63
C MET B 51 8.84 4.07 -12.79
N ASP B 52 8.98 3.16 -13.75
CA ASP B 52 9.57 3.54 -15.02
C ASP B 52 10.97 4.11 -14.92
N LYS B 53 11.71 3.67 -13.92
CA LYS B 53 13.12 4.04 -13.83
C LYS B 53 14.10 2.90 -14.12
N THR B 54 15.27 3.31 -14.54
CA THR B 54 16.40 2.46 -14.62
C THR B 54 16.92 2.29 -13.19
N ILE B 55 17.33 1.07 -12.82
CA ILE B 55 17.79 0.77 -11.47
C ILE B 55 18.92 -0.26 -11.44
N ILE B 56 19.92 0.03 -10.60
CA ILE B 56 21.05 -0.89 -10.41
C ILE B 56 21.10 -1.44 -9.00
N LEU B 57 21.33 -2.76 -8.87
CA LEU B 57 21.59 -3.38 -7.57
C LEU B 57 23.10 -3.45 -7.28
N LYS B 58 23.52 -2.95 -6.11
CA LYS B 58 24.92 -3.02 -5.67
C LYS B 58 24.99 -3.72 -4.28
N ALA B 59 26.04 -4.48 -4.05
CA ALA B 59 26.12 -5.26 -2.84
C ALA B 59 27.51 -5.21 -2.29
N ASN B 60 27.58 -5.31 -0.96
CA ASN B 60 28.85 -5.65 -0.28
C ASN B 60 28.70 -6.98 0.40
N PHE B 61 29.70 -7.83 0.19
CA PHE B 61 29.61 -9.19 0.66
C PHE B 61 30.95 -9.87 0.56
N SER B 62 31.10 -10.98 1.28
CA SER B 62 32.34 -11.69 1.13
C SER B 62 32.12 -12.80 0.14
N VAL B 63 33.22 -13.32 -0.38
CA VAL B 63 33.29 -14.33 -1.39
C VAL B 63 34.38 -15.34 -0.96
N ILE B 64 34.13 -16.62 -1.18
CA ILE B 64 35.20 -17.55 -1.10
C ILE B 64 35.19 -18.26 -2.42
N PHE B 65 36.30 -18.13 -3.12
CA PHE B 65 36.47 -18.65 -4.44
C PHE B 65 35.54 -18.06 -5.45
N ASP B 66 34.46 -18.76 -5.68
CA ASP B 66 33.61 -18.44 -6.80
C ASP B 66 32.19 -18.07 -6.41
N ARG B 67 31.91 -17.87 -5.13
CA ARG B 67 30.56 -17.52 -4.70
C ARG B 67 30.49 -16.72 -3.42
N LEU B 68 29.44 -15.91 -3.34
CA LEU B 68 29.10 -15.16 -2.17
C LEU B 68 29.11 -16.10 -0.94
N GLU B 69 29.77 -15.68 0.13
CA GLU B 69 29.80 -16.46 1.37
C GLU B 69 28.86 -15.78 2.34
N THR B 70 29.10 -14.52 2.63
CA THR B 70 28.25 -13.78 3.51
C THR B 70 27.90 -12.41 2.89
N LEU B 71 26.60 -12.07 2.89
CA LEU B 71 26.11 -10.72 2.55
C LEU B 71 26.24 -9.78 3.71
N ILE B 72 26.90 -8.66 3.48
CA ILE B 72 26.76 -7.56 4.41
C ILE B 72 25.52 -6.79 4.08
N LEU B 73 25.39 -6.31 2.85
CA LEU B 73 24.26 -5.42 2.51
C LEU B 73 24.13 -5.34 1.02
N LEU B 74 22.91 -5.46 0.54
CA LEU B 74 22.64 -5.19 -0.88
C LEU B 74 21.63 -4.02 -0.98
N ARG B 75 21.89 -3.09 -1.89
CA ARG B 75 20.97 -1.95 -2.06
C ARG B 75 20.66 -1.66 -3.53
N ALA B 76 19.50 -1.09 -3.76
CA ALA B 76 18.97 -0.80 -5.14
C ALA B 76 19.03 0.71 -5.40
N PHE B 77 19.69 1.13 -6.46
CA PHE B 77 19.88 2.57 -6.65
C PHE B 77 19.21 3.09 -7.94
N THR B 78 18.65 4.29 -7.88
CA THR B 78 18.25 4.98 -9.11
C THR B 78 19.48 5.70 -9.64
N GLU B 79 19.44 6.26 -10.84
CA GLU B 79 20.60 7.02 -11.38
C GLU B 79 20.76 8.33 -10.60
N GLU B 80 19.65 8.81 -10.04
CA GLU B 80 19.63 10.03 -9.20
C GLU B 80 20.07 9.77 -7.74
N GLY B 81 20.38 8.49 -7.41
CA GLY B 81 21.07 8.12 -6.16
C GLY B 81 20.15 7.71 -5.01
N ALA B 82 18.86 7.92 -5.21
CA ALA B 82 17.95 7.35 -4.25
C ALA B 82 18.15 5.82 -4.14
N ILE B 83 17.99 5.36 -2.91
CA ILE B 83 17.85 3.98 -2.59
C ILE B 83 16.37 3.64 -2.75
N VAL B 84 16.05 2.59 -3.51
CA VAL B 84 14.63 2.23 -3.68
C VAL B 84 14.40 0.77 -3.28
N GLY B 85 15.47 0.06 -3.00
CA GLY B 85 15.38 -1.34 -2.60
C GLY B 85 16.56 -1.73 -1.76
N GLU B 86 16.34 -2.75 -0.91
CA GLU B 86 17.38 -3.24 0.00
C GLU B 86 17.14 -4.72 0.42
N ILE B 87 18.25 -5.46 0.52
CA ILE B 87 18.31 -6.75 1.13
C ILE B 87 19.43 -6.81 2.21
N SER B 88 19.02 -7.04 3.45
CA SER B 88 19.94 -7.08 4.55
C SER B 88 19.71 -8.32 5.40
N PRO B 89 20.79 -8.82 5.97
CA PRO B 89 20.73 -10.02 6.81
C PRO B 89 20.12 -9.67 8.16
N LEU B 90 19.45 -10.60 8.77
CA LEU B 90 18.96 -10.45 10.11
C LEU B 90 19.69 -11.34 11.07
N PRO B 91 19.73 -10.92 12.31
CA PRO B 91 20.39 -11.60 13.41
C PRO B 91 19.88 -12.98 13.73
N SER B 92 18.80 -13.41 13.11
CA SER B 92 18.21 -14.70 13.38
C SER B 92 19.20 -15.80 13.06
N LEU B 93 20.45 -15.48 13.24
CA LEU B 93 21.53 -16.39 12.99
C LEU B 93 21.32 -17.35 11.84
N PRO B 94 21.95 -18.52 11.98
CA PRO B 94 22.08 -19.48 10.89
C PRO B 94 20.85 -19.48 9.99
N GLY B 95 20.80 -18.50 9.11
CA GLY B 95 21.85 -17.52 9.01
C GLY B 95 21.72 -16.89 7.65
N HIS B 96 21.86 -17.72 6.65
CA HIS B 96 21.64 -17.27 5.29
C HIS B 96 22.74 -17.79 4.49
N THR B 97 22.37 -18.43 3.41
CA THR B 97 23.31 -19.01 2.48
C THR B 97 23.26 -18.21 1.16
N GLY B 98 24.14 -18.56 0.24
CA GLY B 98 24.23 -17.88 -1.02
C GLY B 98 22.93 -18.14 -1.77
N GLU B 99 22.44 -19.35 -1.68
CA GLU B 99 21.16 -19.70 -2.24
C GLU B 99 20.06 -18.76 -1.72
N ASP B 100 20.05 -18.48 -0.43
CA ASP B 100 19.01 -17.65 0.17
C ASP B 100 19.10 -16.28 -0.45
N VAL B 101 20.33 -15.85 -0.71
CA VAL B 101 20.59 -14.54 -1.24
C VAL B 101 20.15 -14.50 -2.70
N LYS B 102 20.58 -15.50 -3.46
CA LYS B 102 20.16 -15.71 -4.82
C LYS B 102 18.62 -15.52 -4.97
N ASN B 103 17.86 -16.23 -4.16
CA ASN B 103 16.42 -16.20 -4.22
C ASN B 103 15.87 -14.79 -3.92
N ALA B 104 16.54 -14.07 -3.03
CA ALA B 104 16.07 -12.81 -2.54
C ALA B 104 16.25 -11.74 -3.63
N ILE B 105 17.37 -11.82 -4.35
CA ILE B 105 17.64 -10.88 -5.45
C ILE B 105 16.58 -11.09 -6.52
N GLY B 106 16.32 -12.36 -6.86
CA GLY B 106 15.21 -12.72 -7.72
C GLY B 106 13.89 -12.06 -7.38
N VAL B 107 13.50 -12.20 -6.12
CA VAL B 107 12.22 -11.73 -5.64
C VAL B 107 12.22 -10.19 -5.65
N LEU B 108 13.32 -9.57 -5.33
CA LEU B 108 13.39 -8.14 -5.33
C LEU B 108 13.25 -7.63 -6.76
N ILE B 109 13.97 -8.22 -7.70
CA ILE B 109 13.85 -7.80 -9.10
C ILE B 109 12.43 -7.91 -9.62
N GLY B 110 11.78 -9.06 -9.40
CA GLY B 110 10.39 -9.23 -9.79
C GLY B 110 9.57 -8.11 -9.16
N GLY B 111 9.86 -7.76 -7.91
CA GLY B 111 9.09 -6.74 -7.20
C GLY B 111 9.21 -5.34 -7.87
N LEU B 112 10.44 -5.03 -8.33
CA LEU B 112 10.76 -3.71 -8.83
C LEU B 112 10.25 -3.62 -10.26
N GLU B 113 10.16 -4.77 -10.89
CA GLU B 113 9.69 -4.88 -12.22
C GLU B 113 8.19 -4.75 -12.32
N TRP B 114 7.46 -4.81 -11.22
CA TRP B 114 6.02 -4.64 -11.32
C TRP B 114 5.64 -3.30 -11.96
N ASN B 115 6.41 -2.26 -11.65
CA ASN B 115 6.08 -0.90 -11.99
C ASN B 115 6.97 -0.44 -13.15
N ASP B 116 7.41 -1.42 -13.97
CA ASP B 116 8.16 -1.17 -15.21
C ASP B 116 9.51 -0.51 -15.03
N ASN B 117 10.11 -0.80 -13.91
CA ASN B 117 11.48 -0.41 -13.68
C ASN B 117 12.39 -1.37 -14.45
N THR B 118 13.51 -0.87 -14.96
CA THR B 118 14.50 -1.73 -15.60
C THR B 118 15.70 -1.91 -14.67
N VAL B 119 15.88 -3.15 -14.23
CA VAL B 119 16.77 -3.41 -13.12
C VAL B 119 17.99 -4.10 -13.64
N ARG B 120 19.17 -3.56 -13.37
CA ARG B 120 20.32 -4.35 -13.71
C ARG B 120 21.22 -4.55 -12.47
N VAL B 121 22.24 -5.41 -12.57
CA VAL B 121 23.14 -5.70 -11.40
C VAL B 121 24.58 -5.43 -11.83
N THR B 122 25.42 -5.03 -10.89
CA THR B 122 26.85 -4.92 -11.12
C THR B 122 27.39 -6.28 -11.46
N GLU B 123 28.51 -6.27 -12.17
CA GLU B 123 29.30 -7.43 -12.55
C GLU B 123 29.62 -8.34 -11.29
N THR B 124 29.97 -7.75 -10.17
CA THR B 124 30.16 -8.45 -8.92
C THR B 124 28.97 -9.33 -8.55
N ILE B 125 27.77 -8.76 -8.58
CA ILE B 125 26.61 -9.56 -8.22
C ILE B 125 26.43 -10.69 -9.25
N GLN B 126 26.65 -10.35 -10.52
CA GLN B 126 26.38 -11.24 -11.64
C GLN B 126 27.28 -12.47 -11.57
N ARG B 127 28.54 -12.20 -11.27
CA ARG B 127 29.54 -13.22 -11.16
C ARG B 127 29.30 -14.13 -9.94
N PHE B 128 29.02 -13.54 -8.77
CA PHE B 128 29.04 -14.32 -7.52
C PHE B 128 27.74 -14.63 -6.84
N ALA B 129 26.71 -13.82 -7.06
CA ALA B 129 25.56 -13.81 -6.17
C ALA B 129 24.23 -14.19 -6.80
N TRP B 130 23.93 -13.63 -7.97
CA TRP B 130 22.71 -13.96 -8.74
C TRP B 130 22.94 -13.69 -10.21
N ARG B 131 22.65 -14.63 -11.07
CA ARG B 131 22.62 -14.31 -12.48
C ARG B 131 21.26 -14.60 -13.08
N ASN B 132 21.01 -13.97 -14.21
CA ASN B 132 19.85 -14.26 -15.00
C ASN B 132 19.56 -13.13 -15.95
N ALA C 13 25.35 19.97 -1.93
CA ALA C 13 24.55 18.85 -2.54
C ALA C 13 23.06 18.95 -2.26
N SER C 14 22.68 19.77 -1.28
CA SER C 14 21.29 19.76 -0.85
C SER C 14 20.45 20.71 -1.74
N ARG C 15 19.37 20.23 -2.31
CA ARG C 15 18.64 21.03 -3.29
C ARG C 15 17.42 21.78 -2.72
N TYR C 16 16.97 22.83 -3.40
CA TYR C 16 15.94 23.75 -2.84
C TYR C 16 14.71 23.90 -3.76
N LEU C 17 13.53 23.56 -3.21
CA LEU C 17 12.26 23.57 -3.96
C LEU C 17 11.28 24.41 -3.28
N THR C 18 10.59 25.20 -4.10
CA THR C 18 9.66 26.17 -3.64
C THR C 18 8.38 26.09 -4.48
N ASP C 19 7.34 25.45 -3.94
CA ASP C 19 6.00 25.56 -4.55
C ASP C 19 5.39 26.95 -4.31
N MET C 20 5.66 27.52 -3.13
CA MET C 20 4.96 28.71 -2.72
C MET C 20 5.74 29.98 -3.08
N THR C 21 5.07 31.13 -3.21
CA THR C 21 5.74 32.43 -3.32
C THR C 21 5.97 32.94 -1.91
N LEU C 22 6.85 33.93 -1.77
CA LEU C 22 7.06 34.57 -0.50
C LEU C 22 5.76 35.03 0.16
N GLU C 23 4.88 35.62 -0.64
CA GLU C 23 3.64 36.19 -0.13
C GLU C 23 2.85 35.02 0.50
N GLU C 24 2.78 33.91 -0.26
CA GLU C 24 2.13 32.70 0.18
C GLU C 24 2.72 32.14 1.48
N MET C 25 4.04 32.18 1.60
CA MET C 25 4.76 31.68 2.78
C MET C 25 4.44 32.51 3.99
N SER C 26 4.41 33.82 3.80
CA SER C 26 4.39 34.66 4.96
C SER C 26 3.02 35.19 5.28
N ARG C 27 2.01 34.91 4.46
CA ARG C 27 0.64 35.42 4.71
C ARG C 27 0.03 34.85 5.99
N ASP C 28 -0.62 35.69 6.80
CA ASP C 28 -1.42 35.21 7.93
C ASP C 28 -2.75 34.64 7.48
N TRP C 29 -3.36 33.84 8.34
CA TRP C 29 -4.58 33.14 7.97
C TRP C 29 -5.29 32.57 9.19
N PHE C 30 -6.59 32.45 9.14
CA PHE C 30 -7.20 31.86 10.31
C PHE C 30 -8.13 30.71 10.03
N MET C 31 -8.26 29.91 11.07
CA MET C 31 -9.20 28.81 11.13
C MET C 31 -10.52 29.27 11.80
N LEU C 32 -11.60 29.21 11.00
CA LEU C 32 -12.95 29.34 11.51
C LEU C 32 -13.18 28.25 12.56
N MET C 33 -12.84 27.01 12.22
CA MET C 33 -13.05 25.89 13.15
C MET C 33 -11.72 25.15 13.38
N PRO C 34 -10.94 25.61 14.37
CA PRO C 34 -9.53 25.17 14.48
C PRO C 34 -9.36 23.70 14.77
N LYS C 35 -8.46 23.06 14.04
CA LYS C 35 -7.99 21.72 14.36
C LYS C 35 -6.48 21.67 14.16
N GLN C 36 -5.78 21.02 15.08
CA GLN C 36 -4.33 21.07 15.14
C GLN C 36 -3.79 19.85 15.88
N LYS C 37 -2.60 19.40 15.51
CA LYS C 37 -1.87 18.40 16.32
C LYS C 37 -0.36 18.46 16.13
N VAL C 38 0.32 17.79 17.05
CA VAL C 38 1.74 17.72 17.07
C VAL C 38 2.13 16.28 16.92
N ALA C 39 2.96 16.01 15.93
CA ALA C 39 3.44 14.68 15.73
C ALA C 39 4.95 14.77 15.58
N GLY C 40 5.61 14.40 16.68
CA GLY C 40 7.05 14.53 16.82
C GLY C 40 7.41 16.02 16.72
N SER C 41 8.00 16.42 15.59
CA SER C 41 8.48 17.79 15.47
C SER C 41 7.70 18.54 14.41
N LEU C 42 6.47 18.10 14.14
CA LEU C 42 5.67 18.74 13.11
C LEU C 42 4.38 19.23 13.71
N CYS C 43 3.91 20.37 13.23
CA CYS C 43 2.66 20.91 13.70
C CYS C 43 1.73 20.87 12.50
N ILE C 44 0.63 20.16 12.65
CA ILE C 44 -0.36 20.05 11.62
C ILE C 44 -1.57 20.86 12.03
N LYS C 45 -2.00 21.77 11.15
CA LYS C 45 -3.20 22.61 11.39
C LYS C 45 -4.16 22.49 10.25
N MET C 46 -5.45 22.53 10.54
CA MET C 46 -6.46 22.66 9.48
C MET C 46 -7.81 23.22 9.99
N ASP C 47 -8.55 23.84 9.09
CA ASP C 47 -9.83 24.41 9.40
C ASP C 47 -10.93 23.39 9.12
N GLN C 48 -11.67 22.99 10.17
CA GLN C 48 -12.77 22.04 10.01
C GLN C 48 -13.95 22.60 9.22
N ALA C 49 -14.05 23.92 9.10
CA ALA C 49 -15.24 24.50 8.46
C ALA C 49 -15.27 24.26 6.96
N ILE C 50 -14.10 24.10 6.37
CA ILE C 50 -13.99 23.93 4.93
C ILE C 50 -14.62 22.61 4.44
N MET C 51 -15.48 22.75 3.43
CA MET C 51 -16.21 21.61 2.88
C MET C 51 -16.40 21.66 1.36
N ASP C 52 -16.40 20.48 0.74
CA ASP C 52 -16.76 20.36 -0.68
C ASP C 52 -15.89 21.26 -1.60
N LYS C 53 -14.66 21.52 -1.17
CA LYS C 53 -13.72 22.29 -1.99
C LYS C 53 -12.61 21.40 -2.54
N THR C 54 -12.08 21.79 -3.70
CA THR C 54 -10.89 21.24 -4.28
C THR C 54 -9.75 21.90 -3.48
N ILE C 55 -8.77 21.11 -3.01
CA ILE C 55 -7.67 21.67 -2.22
C ILE C 55 -6.31 21.19 -2.73
N ILE C 56 -5.30 22.06 -2.72
CA ILE C 56 -3.96 21.66 -3.24
C ILE C 56 -2.92 21.97 -2.21
N LEU C 57 -2.05 20.98 -1.96
CA LEU C 57 -1.00 21.15 -1.01
C LEU C 57 0.23 21.62 -1.78
N LYS C 58 0.84 22.67 -1.23
CA LYS C 58 2.09 23.21 -1.72
C LYS C 58 3.16 23.22 -0.62
N ALA C 59 4.43 23.04 -0.99
CA ALA C 59 5.49 23.04 0.03
C ALA C 59 6.79 23.66 -0.45
N ASN C 60 7.62 24.08 0.53
CA ASN C 60 8.96 24.61 0.32
C ASN C 60 9.86 23.75 1.18
N PHE C 61 10.91 23.21 0.58
CA PHE C 61 11.58 22.17 1.30
C PHE C 61 12.83 21.93 0.58
N SER C 62 13.69 21.12 1.18
CA SER C 62 14.98 20.89 0.55
C SER C 62 15.02 19.41 0.18
N VAL C 63 15.79 19.03 -0.85
CA VAL C 63 15.90 17.62 -1.15
C VAL C 63 17.29 17.16 -1.32
N ILE C 64 17.47 15.86 -1.02
CA ILE C 64 18.73 15.13 -1.09
C ILE C 64 18.43 13.70 -1.64
N PHE C 65 19.23 13.25 -2.61
CA PHE C 65 19.03 11.95 -3.28
C PHE C 65 17.58 11.69 -3.65
N ASP C 66 16.95 12.68 -4.28
CA ASP C 66 15.57 12.61 -4.76
C ASP C 66 14.49 12.46 -3.74
N ARG C 67 14.80 12.76 -2.49
CA ARG C 67 13.76 12.74 -1.43
C ARG C 67 13.81 13.93 -0.56
N LEU C 68 12.64 14.33 -0.06
CA LEU C 68 12.58 15.45 0.86
C LEU C 68 13.54 15.20 2.03
N GLU C 69 14.34 16.20 2.37
CA GLU C 69 15.31 16.12 3.47
C GLU C 69 14.77 16.92 4.69
N THR C 70 14.26 18.12 4.46
CA THR C 70 13.92 19.07 5.51
C THR C 70 12.69 19.75 4.93
N LEU C 71 11.68 20.01 5.75
CA LEU C 71 10.55 20.76 5.25
C LEU C 71 10.67 22.17 5.77
N ILE C 72 10.47 23.16 4.91
CA ILE C 72 10.41 24.52 5.41
C ILE C 72 8.94 24.78 5.73
N LEU C 73 8.04 24.66 4.76
CA LEU C 73 6.65 24.91 5.09
C LEU C 73 5.77 24.26 4.05
N LEU C 74 4.68 23.63 4.50
CA LEU C 74 3.61 23.20 3.61
C LEU C 74 2.29 23.86 3.93
N ARG C 75 1.58 24.30 2.87
CA ARG C 75 0.24 24.84 3.12
C ARG C 75 -0.75 24.32 2.11
N ALA C 76 -2.00 24.27 2.55
CA ALA C 76 -3.10 23.79 1.76
C ALA C 76 -3.91 24.98 1.22
N PHE C 77 -4.25 24.94 -0.06
CA PHE C 77 -4.93 26.07 -0.71
C PHE C 77 -6.19 25.70 -1.48
N THR C 78 -7.22 26.51 -1.30
CA THR C 78 -8.41 26.38 -2.13
C THR C 78 -8.10 26.88 -3.52
N GLU C 79 -8.95 26.52 -4.48
CA GLU C 79 -8.82 27.08 -5.84
C GLU C 79 -8.73 28.61 -5.86
N GLU C 80 -9.39 29.31 -4.92
CA GLU C 80 -9.34 30.79 -4.88
C GLU C 80 -8.20 31.33 -3.96
N GLY C 81 -7.34 30.42 -3.49
CA GLY C 81 -6.04 30.81 -2.94
C GLY C 81 -6.06 31.07 -1.45
N ALA C 82 -7.19 30.81 -0.79
CA ALA C 82 -7.26 30.90 0.67
C ALA C 82 -6.50 29.71 1.29
N ILE C 83 -5.74 29.96 2.33
CA ILE C 83 -5.01 28.90 3.03
C ILE C 83 -5.95 28.27 4.01
N VAL C 84 -5.96 26.94 4.05
CA VAL C 84 -6.89 26.27 4.93
C VAL C 84 -6.26 25.13 5.72
N GLY C 85 -4.93 24.99 5.58
CA GLY C 85 -4.16 23.96 6.27
C GLY C 85 -2.66 24.21 6.21
N GLU C 86 -1.89 23.44 6.99
CA GLU C 86 -0.51 23.74 7.12
C GLU C 86 0.23 22.63 7.90
N ILE C 87 1.48 22.42 7.53
CA ILE C 87 2.36 21.65 8.33
C ILE C 87 3.60 22.47 8.39
N SER C 88 4.11 22.64 9.61
CA SER C 88 5.28 23.39 9.76
C SER C 88 6.14 22.79 10.83
N PRO C 89 7.44 22.93 10.69
CA PRO C 89 8.34 22.27 11.61
C PRO C 89 8.55 23.00 12.95
N LEU C 90 8.78 22.24 14.01
CA LEU C 90 8.94 22.80 15.35
C LEU C 90 10.38 22.77 15.74
N PRO C 91 10.88 23.77 16.42
CA PRO C 91 12.24 23.73 16.88
C PRO C 91 12.29 22.80 18.06
N SER C 92 12.74 21.58 17.89
CA SER C 92 12.59 20.62 18.95
C SER C 92 13.53 19.45 18.84
N LEU C 93 14.61 19.59 19.60
CA LEU C 93 15.81 18.79 19.47
C LEU C 93 15.79 17.95 18.24
N PRO C 94 15.28 16.75 18.42
CA PRO C 94 15.30 15.69 17.41
C PRO C 94 15.18 16.19 15.98
N GLY C 95 14.08 16.84 15.66
CA GLY C 95 13.93 17.32 14.33
C GLY C 95 13.32 16.27 13.46
N HIS C 96 12.54 16.68 12.51
CA HIS C 96 11.82 15.78 11.65
C HIS C 96 12.63 15.17 10.54
N THR C 97 12.12 14.06 10.02
CA THR C 97 12.69 13.39 8.86
C THR C 97 11.67 13.47 7.72
N GLY C 98 12.14 13.21 6.51
CA GLY C 98 11.27 13.06 5.38
C GLY C 98 10.15 12.08 5.68
N GLU C 99 10.48 10.95 6.34
CA GLU C 99 9.45 9.98 6.71
C GLU C 99 8.38 10.63 7.62
N ASP C 100 8.79 11.47 8.57
CA ASP C 100 7.83 12.17 9.41
C ASP C 100 6.94 13.04 8.53
N VAL C 101 7.53 13.70 7.55
CA VAL C 101 6.78 14.63 6.73
C VAL C 101 5.79 13.83 5.91
N LYS C 102 6.24 12.69 5.39
CA LYS C 102 5.38 11.91 4.58
C LYS C 102 4.15 11.46 5.38
N ASN C 103 4.32 10.97 6.59
CA ASN C 103 3.14 10.60 7.39
C ASN C 103 2.23 11.78 7.69
N ALA C 104 2.81 12.94 7.96
CA ALA C 104 2.03 14.12 8.29
C ALA C 104 1.19 14.59 7.08
N ILE C 105 1.74 14.44 5.89
CA ILE C 105 1.00 14.79 4.72
C ILE C 105 -0.24 13.90 4.68
N GLY C 106 -0.05 12.60 4.92
CA GLY C 106 -1.18 11.67 4.86
C GLY C 106 -2.19 12.01 5.95
N VAL C 107 -1.71 12.53 7.08
CA VAL C 107 -2.60 12.82 8.16
C VAL C 107 -3.43 14.05 7.82
N LEU C 108 -2.77 15.04 7.21
CA LEU C 108 -3.46 16.24 6.81
C LEU C 108 -4.52 15.92 5.76
N ILE C 109 -4.14 15.13 4.76
CA ILE C 109 -5.08 14.86 3.65
C ILE C 109 -6.30 14.18 4.21
N GLY C 110 -6.06 13.18 5.04
CA GLY C 110 -7.17 12.43 5.67
C GLY C 110 -8.14 13.33 6.42
N GLY C 111 -7.58 14.32 7.11
CA GLY C 111 -8.40 15.16 7.95
C GLY C 111 -9.17 16.06 7.01
N LEU C 112 -8.53 16.47 5.92
CA LEU C 112 -9.23 17.33 4.99
C LEU C 112 -10.27 16.58 4.20
N GLU C 113 -10.10 15.27 3.97
CA GLU C 113 -11.11 14.55 3.16
C GLU C 113 -12.39 14.28 3.95
N TRP C 114 -12.34 14.45 5.27
CA TRP C 114 -13.51 14.16 6.12
C TRP C 114 -14.72 14.96 5.66
N ASN C 115 -14.56 16.26 5.45
CA ASN C 115 -15.64 17.10 4.99
C ASN C 115 -15.73 17.13 3.48
N ASP C 116 -15.45 16.01 2.86
CA ASP C 116 -15.61 15.84 1.41
C ASP C 116 -14.91 16.89 0.58
N ASN C 117 -13.73 17.27 1.01
CA ASN C 117 -12.81 17.97 0.15
C ASN C 117 -12.04 16.99 -0.75
N THR C 118 -11.76 17.42 -1.98
CA THR C 118 -10.95 16.69 -2.91
C THR C 118 -9.57 17.34 -2.82
N VAL C 119 -8.60 16.63 -2.28
CA VAL C 119 -7.32 17.20 -1.96
C VAL C 119 -6.29 16.63 -2.89
N ARG C 120 -5.45 17.48 -3.45
CA ARG C 120 -4.33 17.03 -4.28
C ARG C 120 -3.02 17.68 -3.90
N VAL C 121 -1.92 17.21 -4.51
CA VAL C 121 -0.59 17.74 -4.24
C VAL C 121 0.18 18.21 -5.49
N THR C 122 1.08 19.19 -5.32
CA THR C 122 1.90 19.57 -6.45
C THR C 122 2.71 18.39 -6.93
N GLU C 123 3.21 18.51 -8.15
CA GLU C 123 4.10 17.52 -8.72
C GLU C 123 5.40 17.41 -7.88
N THR C 124 5.82 18.53 -7.31
CA THR C 124 7.00 18.50 -6.50
C THR C 124 6.76 17.62 -5.30
N ILE C 125 5.63 17.78 -4.66
CA ILE C 125 5.36 16.92 -3.50
C ILE C 125 5.29 15.45 -3.97
N GLN C 126 4.66 15.26 -5.11
CA GLN C 126 4.42 13.91 -5.61
C GLN C 126 5.71 13.20 -5.93
N ARG C 127 6.66 13.95 -6.46
CA ARG C 127 7.95 13.43 -6.83
C ARG C 127 8.86 13.14 -5.63
N PHE C 128 8.82 13.93 -4.57
CA PHE C 128 9.86 13.86 -3.51
C PHE C 128 9.39 13.53 -2.13
N ALA C 129 8.11 13.75 -1.87
CA ALA C 129 7.64 13.71 -0.47
C ALA C 129 6.47 12.79 -0.14
N TRP C 130 5.54 12.54 -1.05
CA TRP C 130 4.38 11.76 -0.69
C TRP C 130 3.68 11.24 -1.91
N ARG C 131 3.17 10.03 -1.85
CA ARG C 131 2.46 9.45 -3.01
C ARG C 131 1.16 8.82 -2.55
N ASN C 132 0.19 8.77 -3.43
CA ASN C 132 -1.05 8.13 -3.10
C ASN C 132 -0.96 6.65 -3.31
N SER C 133 -1.16 5.90 -2.25
CA SER C 133 -1.39 4.49 -2.34
C SER C 133 -2.49 4.31 -3.37
N ASP C 134 -3.56 5.03 -3.16
CA ASP C 134 -4.72 4.94 -4.00
C ASP C 134 -5.82 4.35 -3.16
N SER D 14 -22.79 -17.85 3.97
CA SER D 14 -22.84 -16.59 4.64
C SER D 14 -22.84 -16.79 6.14
N ARG D 15 -21.69 -16.87 6.77
CA ARG D 15 -21.71 -16.96 8.21
C ARG D 15 -21.88 -15.58 8.80
N TYR D 16 -22.06 -15.51 10.10
CA TYR D 16 -22.42 -14.25 10.71
C TYR D 16 -21.59 -14.05 11.95
N LEU D 17 -20.65 -13.12 11.87
CA LEU D 17 -19.73 -12.77 12.97
C LEU D 17 -20.28 -11.71 13.93
N THR D 18 -19.99 -11.90 15.22
CA THR D 18 -20.50 -11.04 16.31
C THR D 18 -19.38 -10.70 17.30
N ASP D 19 -18.82 -9.52 17.13
CA ASP D 19 -17.87 -8.97 18.10
C ASP D 19 -18.62 -8.46 19.33
N MET D 20 -19.86 -8.01 19.16
CA MET D 20 -20.59 -7.34 20.23
C MET D 20 -21.71 -8.15 20.88
N THR D 21 -21.86 -7.97 22.19
CA THR D 21 -23.02 -8.50 22.92
C THR D 21 -24.21 -7.67 22.50
N LEU D 22 -25.38 -8.29 22.47
CA LEU D 22 -26.63 -7.59 22.17
C LEU D 22 -26.71 -6.26 22.93
N GLU D 23 -26.23 -6.29 24.17
CA GLU D 23 -26.19 -5.10 25.01
C GLU D 23 -25.29 -4.02 24.39
N GLU D 24 -24.08 -4.40 24.01
CA GLU D 24 -23.16 -3.42 23.45
C GLU D 24 -23.81 -2.87 22.18
N MET D 25 -24.49 -3.74 21.43
CA MET D 25 -25.12 -3.35 20.20
C MET D 25 -26.36 -2.50 20.32
N SER D 26 -26.97 -2.50 21.49
CA SER D 26 -28.21 -1.75 21.69
C SER D 26 -28.03 -0.51 22.57
N ARG D 27 -26.85 -0.40 23.17
CA ARG D 27 -26.58 0.65 24.15
C ARG D 27 -26.59 2.02 23.49
N ASP D 28 -27.09 3.00 24.23
CA ASP D 28 -27.07 4.39 23.80
C ASP D 28 -25.75 4.95 24.20
N TRP D 29 -25.30 5.96 23.46
CA TRP D 29 -24.05 6.64 23.78
C TRP D 29 -24.14 8.09 23.33
N PHE D 30 -23.32 8.95 23.94
CA PHE D 30 -23.27 10.36 23.59
C PHE D 30 -21.86 10.85 23.20
N MET D 31 -21.82 11.82 22.29
CA MET D 31 -20.57 12.48 21.94
C MET D 31 -20.45 13.84 22.62
N LEU D 32 -19.43 13.98 23.45
CA LEU D 32 -19.12 15.26 24.05
C LEU D 32 -18.94 16.30 22.93
N MET D 33 -18.17 15.93 21.91
CA MET D 33 -17.88 16.78 20.76
C MET D 33 -18.06 15.97 19.47
N PRO D 34 -19.24 16.03 18.88
CA PRO D 34 -19.61 15.13 17.80
C PRO D 34 -19.03 15.43 16.41
N LYS D 35 -18.92 14.37 15.62
CA LYS D 35 -18.37 14.41 14.25
C LYS D 35 -19.01 13.27 13.44
N GLN D 36 -19.74 13.64 12.39
CA GLN D 36 -20.48 12.68 11.61
C GLN D 36 -20.13 12.86 10.18
N LYS D 37 -20.22 11.78 9.41
CA LYS D 37 -20.32 11.94 7.97
C LYS D 37 -21.00 10.76 7.27
N VAL D 38 -21.56 11.12 6.11
CA VAL D 38 -22.23 10.18 5.26
C VAL D 38 -21.35 9.86 4.08
N ALA D 39 -20.95 8.60 3.99
CA ALA D 39 -20.18 8.18 2.84
C ALA D 39 -20.89 7.06 2.14
N GLY D 40 -21.41 7.40 0.96
CA GLY D 40 -22.21 6.48 0.14
C GLY D 40 -23.50 6.14 0.89
N SER D 41 -23.46 5.03 1.64
CA SER D 41 -24.62 4.58 2.42
C SER D 41 -24.27 4.23 3.85
N LEU D 42 -23.17 4.79 4.37
CA LEU D 42 -22.78 4.53 5.74
C LEU D 42 -22.73 5.84 6.55
N CYS D 43 -22.81 5.69 7.87
CA CYS D 43 -22.79 6.81 8.79
C CYS D 43 -21.68 6.49 9.74
N ILE D 44 -20.73 7.42 9.80
CA ILE D 44 -19.56 7.32 10.65
C ILE D 44 -19.67 8.50 11.58
N LYS D 45 -19.60 8.22 12.87
CA LYS D 45 -19.64 9.18 13.93
C LYS D 45 -18.45 8.85 14.78
N MET D 46 -17.92 9.87 15.46
CA MET D 46 -16.85 9.75 16.45
C MET D 46 -16.89 10.97 17.36
N ASP D 47 -16.56 10.77 18.63
CA ASP D 47 -16.45 11.89 19.60
C ASP D 47 -15.07 12.52 19.45
N GLN D 48 -15.04 13.74 18.92
CA GLN D 48 -13.82 14.49 18.67
C GLN D 48 -13.08 14.85 19.97
N ALA D 49 -13.78 14.73 21.10
CA ALA D 49 -13.21 15.08 22.39
C ALA D 49 -12.28 13.98 22.98
N ILE D 50 -12.42 12.77 22.48
CA ILE D 50 -11.68 11.67 23.05
C ILE D 50 -10.20 11.78 22.70
N MET D 51 -9.34 11.74 23.71
CA MET D 51 -7.89 11.84 23.47
C MET D 51 -7.02 10.94 24.32
N ASP D 52 -5.91 10.47 23.74
CA ASP D 52 -4.86 9.72 24.47
C ASP D 52 -5.30 8.37 25.02
N LYS D 53 -6.29 7.79 24.38
CA LYS D 53 -6.87 6.55 24.83
C LYS D 53 -6.49 5.42 23.91
N THR D 54 -6.43 4.20 24.46
CA THR D 54 -6.38 2.96 23.69
C THR D 54 -7.82 2.61 23.27
N ILE D 55 -8.04 2.41 21.97
CA ILE D 55 -9.36 2.03 21.47
C ILE D 55 -9.30 0.77 20.64
N ILE D 56 -10.34 -0.07 20.76
CA ILE D 56 -10.61 -1.22 19.88
C ILE D 56 -11.93 -1.02 19.14
N LEU D 57 -11.95 -1.43 17.87
CA LEU D 57 -13.16 -1.38 17.06
C LEU D 57 -13.67 -2.79 16.99
N LYS D 58 -14.98 -2.92 17.22
CA LYS D 58 -15.72 -4.21 17.21
C LYS D 58 -16.89 -4.15 16.19
N ALA D 59 -17.14 -5.22 15.44
CA ALA D 59 -18.24 -5.24 14.49
C ALA D 59 -19.05 -6.54 14.47
N ASN D 60 -20.30 -6.44 14.01
CA ASN D 60 -21.11 -7.60 13.74
C ASN D 60 -21.54 -7.55 12.28
N PHE D 61 -21.28 -8.63 11.54
CA PHE D 61 -21.46 -8.58 10.10
C PHE D 61 -21.45 -9.98 9.54
N SER D 62 -21.95 -10.13 8.31
CA SER D 62 -21.90 -11.36 7.54
C SER D 62 -20.67 -11.43 6.64
N VAL D 63 -20.21 -12.65 6.37
CA VAL D 63 -19.17 -12.83 5.40
C VAL D 63 -19.50 -13.94 4.42
N ILE D 64 -18.92 -13.83 3.22
CA ILE D 64 -18.89 -14.90 2.24
C ILE D 64 -17.55 -14.79 1.56
N PHE D 65 -16.98 -15.94 1.25
CA PHE D 65 -15.69 -16.00 0.57
C PHE D 65 -14.70 -15.22 1.34
N ASP D 66 -14.63 -15.49 2.64
CA ASP D 66 -13.59 -14.90 3.49
C ASP D 66 -13.57 -13.39 3.48
N ARG D 67 -14.67 -12.73 3.16
CA ARG D 67 -14.68 -11.28 3.36
C ARG D 67 -16.02 -10.81 3.87
N LEU D 68 -16.05 -9.60 4.39
CA LEU D 68 -17.29 -9.00 4.86
C LEU D 68 -18.28 -8.84 3.70
N GLU D 69 -19.54 -9.05 3.97
CA GLU D 69 -20.50 -8.84 2.91
C GLU D 69 -21.43 -7.72 3.31
N THR D 70 -21.97 -7.83 4.51
CA THR D 70 -22.94 -6.90 4.99
C THR D 70 -22.59 -6.62 6.42
N LEU D 71 -22.38 -5.35 6.72
CA LEU D 71 -22.22 -4.92 8.12
C LEU D 71 -23.57 -4.66 8.73
N ILE D 72 -23.69 -5.06 9.99
CA ILE D 72 -24.79 -4.66 10.85
C ILE D 72 -24.37 -3.44 11.67
N LEU D 73 -23.26 -3.55 12.39
CA LEU D 73 -22.84 -2.43 13.24
C LEU D 73 -21.38 -2.58 13.56
N LEU D 74 -20.69 -1.44 13.58
CA LEU D 74 -19.37 -1.37 14.09
C LEU D 74 -19.31 -0.23 15.07
N ARG D 75 -18.68 -0.46 16.21
CA ARG D 75 -18.50 0.58 17.21
C ARG D 75 -17.06 0.60 17.73
N ALA D 76 -16.69 1.71 18.36
CA ALA D 76 -15.34 1.90 18.86
C ALA D 76 -15.35 2.07 20.39
N PHE D 77 -14.53 1.29 21.09
CA PHE D 77 -14.61 1.18 22.54
C PHE D 77 -13.31 1.54 23.24
N THR D 78 -13.42 2.27 24.34
CA THR D 78 -12.27 2.51 25.18
C THR D 78 -12.01 1.25 25.98
N GLU D 79 -10.92 1.20 26.74
CA GLU D 79 -10.66 0.03 27.61
C GLU D 79 -11.72 -0.10 28.70
N GLU D 80 -12.37 1.00 29.07
CA GLU D 80 -13.39 0.97 30.11
C GLU D 80 -14.75 0.55 29.53
N GLY D 81 -14.76 0.20 28.24
CA GLY D 81 -15.97 -0.23 27.57
C GLY D 81 -16.87 0.90 27.07
N ALA D 82 -16.47 2.17 27.26
CA ALA D 82 -17.21 3.32 26.71
C ALA D 82 -17.26 3.35 25.17
N ILE D 83 -18.45 3.45 24.59
CA ILE D 83 -18.52 3.62 23.13
C ILE D 83 -18.01 5.00 22.76
N VAL D 84 -17.12 5.13 21.76
CA VAL D 84 -16.60 6.45 21.30
C VAL D 84 -16.64 6.73 19.78
N GLY D 85 -17.22 5.78 19.04
CA GLY D 85 -17.31 5.92 17.58
C GLY D 85 -18.11 4.79 17.00
N GLU D 86 -18.59 4.97 15.77
CA GLU D 86 -19.50 4.02 15.18
C GLU D 86 -19.58 4.11 13.65
N ILE D 87 -19.78 2.97 13.01
CA ILE D 87 -20.19 2.98 11.64
C ILE D 87 -21.48 2.20 11.49
N SER D 88 -22.46 2.79 10.81
CA SER D 88 -23.77 2.17 10.71
C SER D 88 -24.39 2.30 9.32
N PRO D 89 -25.11 1.24 8.86
CA PRO D 89 -25.76 1.23 7.58
C PRO D 89 -26.97 2.12 7.64
N LEU D 90 -27.24 2.75 6.51
CA LEU D 90 -28.35 3.65 6.38
C LEU D 90 -29.28 2.99 5.43
N PRO D 91 -30.45 2.64 5.89
CA PRO D 91 -31.48 2.08 5.01
C PRO D 91 -31.70 3.09 3.92
N SER D 92 -30.85 3.09 2.92
CA SER D 92 -30.83 4.16 1.98
C SER D 92 -30.42 3.79 0.57
N LEU D 93 -30.49 4.78 -0.30
CA LEU D 93 -30.21 4.65 -1.70
C LEU D 93 -29.87 3.25 -2.15
N PRO D 94 -28.59 2.97 -2.31
CA PRO D 94 -28.17 1.62 -2.65
C PRO D 94 -27.26 1.04 -1.60
N GLY D 95 -27.63 -0.08 -1.00
CA GLY D 95 -26.82 -0.76 -0.01
C GLY D 95 -25.33 -0.62 -0.15
N HIS D 96 -24.61 -0.98 0.90
CA HIS D 96 -23.19 -0.83 0.98
C HIS D 96 -22.47 -2.06 0.59
N THR D 97 -21.30 -1.89 0.02
CA THR D 97 -20.42 -3.03 -0.40
C THR D 97 -19.39 -3.23 0.69
N GLY D 98 -18.67 -4.34 0.69
CA GLY D 98 -17.72 -4.56 1.76
C GLY D 98 -16.56 -3.57 1.62
N GLU D 99 -16.31 -3.19 0.40
CA GLU D 99 -15.38 -2.17 0.08
C GLU D 99 -15.76 -0.86 0.73
N ASP D 100 -17.01 -0.42 0.59
CA ASP D 100 -17.41 0.81 1.28
C ASP D 100 -17.04 0.72 2.73
N VAL D 101 -17.21 -0.45 3.31
CA VAL D 101 -16.99 -0.60 4.74
C VAL D 101 -15.49 -0.52 5.02
N LYS D 102 -14.71 -1.17 4.16
CA LYS D 102 -13.28 -1.08 4.27
C LYS D 102 -12.83 0.38 4.25
N ASN D 103 -13.29 1.16 3.27
CA ASN D 103 -12.93 2.60 3.26
C ASN D 103 -13.37 3.27 4.55
N ALA D 104 -14.61 3.03 4.96
CA ALA D 104 -15.11 3.72 6.13
C ALA D 104 -14.24 3.36 7.33
N ILE D 105 -13.85 2.09 7.43
CA ILE D 105 -13.02 1.75 8.56
C ILE D 105 -11.78 2.62 8.58
N GLY D 106 -11.12 2.72 7.42
CA GLY D 106 -9.89 3.50 7.34
C GLY D 106 -10.16 4.93 7.73
N VAL D 107 -11.31 5.47 7.31
CA VAL D 107 -11.61 6.87 7.58
C VAL D 107 -11.86 7.06 9.09
N LEU D 108 -12.53 6.10 9.70
CA LEU D 108 -12.82 6.22 11.12
C LEU D 108 -11.60 6.14 11.95
N ILE D 109 -10.72 5.19 11.64
CA ILE D 109 -9.45 5.09 12.33
C ILE D 109 -8.61 6.36 12.19
N GLY D 110 -8.52 6.93 10.97
CA GLY D 110 -7.72 8.14 10.76
C GLY D 110 -8.32 9.26 11.59
N GLY D 111 -9.65 9.35 11.63
CA GLY D 111 -10.28 10.30 12.52
C GLY D 111 -9.95 10.12 14.00
N LEU D 112 -9.85 8.89 14.50
CA LEU D 112 -9.60 8.70 15.95
C LEU D 112 -8.13 8.92 16.29
N GLU D 113 -7.29 8.69 15.28
CA GLU D 113 -5.87 8.84 15.46
C GLU D 113 -5.46 10.29 15.63
N TRP D 114 -6.23 11.21 15.09
CA TRP D 114 -5.91 12.60 15.15
C TRP D 114 -5.54 13.07 16.55
N ASN D 115 -6.29 12.62 17.56
CA ASN D 115 -6.09 13.00 18.95
C ASN D 115 -5.26 12.03 19.75
N ASP D 116 -4.39 11.30 19.09
CA ASP D 116 -3.45 10.42 19.78
C ASP D 116 -4.08 9.27 20.53
N ASN D 117 -5.19 8.81 20.02
CA ASN D 117 -5.71 7.56 20.44
C ASN D 117 -4.98 6.46 19.64
N THR D 118 -4.71 5.33 20.30
CA THR D 118 -4.09 4.17 19.68
C THR D 118 -5.20 3.22 19.29
N VAL D 119 -5.41 3.06 18.00
CA VAL D 119 -6.58 2.33 17.50
C VAL D 119 -6.22 0.95 17.01
N ARG D 120 -6.90 -0.05 17.55
CA ARG D 120 -6.80 -1.40 17.03
C ARG D 120 -8.14 -1.97 16.54
N VAL D 121 -8.10 -3.14 15.93
CA VAL D 121 -9.32 -3.80 15.49
C VAL D 121 -9.36 -5.28 15.95
N THR D 122 -10.54 -5.87 15.99
CA THR D 122 -10.63 -7.28 16.33
C THR D 122 -10.07 -8.19 15.23
N GLU D 123 -9.55 -9.34 15.62
CA GLU D 123 -9.05 -10.27 14.64
C GLU D 123 -10.07 -10.48 13.54
N THR D 124 -11.34 -10.49 13.90
CA THR D 124 -12.37 -10.72 12.90
C THR D 124 -12.36 -9.58 11.91
N ILE D 125 -12.37 -8.34 12.37
CA ILE D 125 -12.24 -7.25 11.44
C ILE D 125 -10.95 -7.38 10.59
N GLN D 126 -9.86 -7.71 11.26
CA GLN D 126 -8.56 -7.81 10.62
C GLN D 126 -8.55 -8.84 9.50
N ARG D 127 -9.24 -9.96 9.72
CA ARG D 127 -9.27 -11.02 8.75
C ARG D 127 -10.22 -10.73 7.60
N PHE D 128 -11.34 -10.06 7.87
CA PHE D 128 -12.45 -9.99 6.91
C PHE D 128 -12.74 -8.64 6.26
N ALA D 129 -12.29 -7.57 6.90
CA ALA D 129 -12.88 -6.28 6.66
C ALA D 129 -11.86 -5.17 6.45
N TRP D 130 -10.75 -5.17 7.16
CA TRP D 130 -9.82 -4.07 7.03
C TRP D 130 -8.51 -4.50 7.57
N ARG D 131 -7.48 -4.41 6.76
CA ARG D 131 -6.15 -4.71 7.24
C ARG D 131 -5.29 -3.44 7.22
N ASN D 132 -4.41 -3.34 8.19
CA ASN D 132 -3.47 -2.27 8.31
C ASN D 132 -2.26 -2.48 7.44
N SER D 133 -1.87 -1.45 6.73
CA SER D 133 -0.63 -1.51 5.97
C SER D 133 0.62 -1.39 6.83
N ASP D 134 1.15 -2.53 7.24
CA ASP D 134 2.27 -2.58 8.15
C ASP D 134 1.99 -3.63 9.20
S SCN E . 3.35 -8.81 -17.87
C SCN E . 5.05 -9.03 -18.48
N SCN E . 6.15 -9.23 -18.86
S SCN F . 34.10 1.39 -4.00
C SCN F . 33.72 1.33 -5.76
N SCN F . 33.45 1.32 -6.90
S SCN G . 24.38 5.11 -8.07
C SCN G . 24.92 4.65 -9.74
N SCN G . 25.35 4.28 -10.78
S SCN H . 12.44 0.87 6.67
C SCN H . 13.83 1.81 5.94
N SCN H . 14.72 2.41 5.44
S SCN I . 22.09 1.03 7.05
C SCN I . 21.48 2.43 8.01
N SCN I . 21.09 3.36 8.62
S SCN J . 20.54 -1.53 7.32
C SCN J . 19.04 -2.20 8.10
N SCN J . 18.05 -2.64 8.55
S SCN K . 6.49 29.49 -7.76
C SCN K . 7.94 30.40 -7.18
N SCN K . 8.90 30.97 -6.77
S SCN L . -25.95 10.77 17.93
C SCN L . -25.50 9.23 18.79
N SCN L . -25.19 8.23 19.32
#